data_9J76
#
_entry.id   9J76
#
_cell.length_a   1.00
_cell.length_b   1.00
_cell.length_c   1.00
_cell.angle_alpha   90.00
_cell.angle_beta   90.00
_cell.angle_gamma   90.00
#
_symmetry.space_group_name_H-M   'P 1'
#
loop_
_entity.id
_entity.type
_entity.pdbx_description
1 polymer 'Solute carrier family 22 member 12'
2 non-polymer Sulfinpyrazone
#
_entity_poly.entity_id   1
_entity_poly.type   'polypeptide(L)'
_entity_poly.pdbx_seq_one_letter_code
;MAFPELLDRVGGRGRFQLLQAVALVTPILWVTTQSMLENFSAAVPHHRCWVPLLDNSTSQASIPGDFGRDVLLAVSIPPG
PDQRPHQCLRFRQPQWQLIESNTTATNWSDADTEPCEDGWVYDHSTFRSTIVTTWDLVCDSQALRPMAQSIFLAGILVGA
AVCGHASDRFGRRRVLTWSYLLVSVSGTIAALMPTFPLYCLFRFLVASAVAGVMMNTASLLMEWTSAQAGPLMMTLNALG
FSFGQVLTGSVAYGVRSWRMLQLAVSAPFFLFFVYSWWLPESARWLITVGRLDQSLRELQRVAAVNRRKAEADTLTVEVL
RSAMQEEPNGNQAGARLGTLLHTPGLRLRTFISMLCWFAFGFTFFGLALDLQALGSNIFLLQALIGIVDLPVKMGSLLLL
SRLGRRLCQASSLVLPGLCILANILVPREMGILRSSLAVLGLGSLGAAFTCVTIFSSELFPTVIRMTAVGLGQVAARGGA
MLGPLVRLLGVYGSWLPLLVYGVVPVLSGLAALLLPETKNLPLPDTIQDIQKQSVKKVTHDIAGGSVLKSARL
;
_entity_poly.pdbx_strand_id   A
#
# COMPACT_ATOMS: atom_id res chain seq x y z
N ALA A 2 0.12 -35.77 -8.28
CA ALA A 2 1.06 -36.16 -9.33
C ALA A 2 1.22 -35.03 -10.35
N PHE A 3 0.64 -33.88 -10.04
CA PHE A 3 0.73 -32.72 -10.93
C PHE A 3 2.16 -32.28 -11.22
N PRO A 4 3.10 -32.24 -10.26
CA PRO A 4 4.47 -31.84 -10.62
C PRO A 4 5.10 -32.71 -11.70
N GLU A 5 4.75 -34.00 -11.76
CA GLU A 5 5.23 -34.85 -12.85
C GLU A 5 4.74 -34.32 -14.19
N LEU A 6 3.46 -33.97 -14.26
CA LEU A 6 2.91 -33.40 -15.50
C LEU A 6 3.59 -32.08 -15.84
N LEU A 7 3.81 -31.22 -14.84
CA LEU A 7 4.46 -29.94 -15.07
C LEU A 7 5.87 -30.13 -15.61
N ASP A 8 6.61 -31.09 -15.05
CA ASP A 8 7.94 -31.39 -15.58
C ASP A 8 7.84 -31.95 -17.00
N ARG A 9 6.78 -32.71 -17.28
CA ARG A 9 6.59 -33.24 -18.62
C ARG A 9 6.36 -32.14 -19.65
N VAL A 10 5.55 -31.13 -19.31
CA VAL A 10 5.23 -30.08 -20.26
C VAL A 10 6.32 -29.01 -20.33
N GLY A 11 6.95 -28.66 -19.22
CA GLY A 11 7.94 -27.60 -19.22
C GLY A 11 8.51 -27.28 -17.86
N GLY A 12 8.54 -26.00 -17.51
CA GLY A 12 9.20 -25.54 -16.31
C GLY A 12 10.26 -24.52 -16.65
N ARG A 13 10.23 -23.36 -15.99
CA ARG A 13 11.06 -22.20 -16.35
C ARG A 13 10.71 -21.87 -17.80
N GLY A 14 11.67 -21.84 -18.71
CA GLY A 14 11.35 -21.65 -20.12
C GLY A 14 10.89 -20.27 -20.49
N ARG A 15 9.98 -20.18 -21.46
CA ARG A 15 9.58 -18.90 -22.06
C ARG A 15 8.24 -18.40 -21.52
N PHE A 16 7.22 -19.25 -21.51
CA PHE A 16 5.89 -18.80 -21.12
C PHE A 16 5.87 -18.32 -19.68
N GLN A 17 6.61 -19.00 -18.79
CA GLN A 17 6.65 -18.62 -17.39
C GLN A 17 7.25 -17.25 -17.17
N LEU A 18 7.97 -16.72 -18.15
CA LEU A 18 8.52 -15.37 -18.07
C LEU A 18 7.56 -14.32 -18.60
N LEU A 19 6.91 -14.60 -19.74
CA LEU A 19 5.92 -13.67 -20.28
C LEU A 19 4.74 -13.51 -19.34
N GLN A 20 4.24 -14.63 -18.79
CA GLN A 20 3.16 -14.54 -17.82
C GLN A 20 3.60 -13.78 -16.58
N ALA A 21 4.84 -14.01 -16.13
CA ALA A 21 5.34 -13.29 -14.97
C ALA A 21 5.35 -11.79 -15.22
N VAL A 22 5.85 -11.37 -16.39
CA VAL A 22 5.88 -9.95 -16.69
C VAL A 22 4.47 -9.37 -16.76
N ALA A 23 3.56 -10.06 -17.46
CA ALA A 23 2.22 -9.55 -17.63
C ALA A 23 1.41 -9.54 -16.34
N LEU A 24 1.79 -10.37 -15.36
CA LEU A 24 1.09 -10.36 -14.09
C LEU A 24 1.75 -9.49 -13.04
N VAL A 25 3.03 -9.15 -13.21
CA VAL A 25 3.68 -8.26 -12.25
C VAL A 25 3.50 -6.80 -12.66
N THR A 26 3.31 -6.53 -13.95
CA THR A 26 3.12 -5.15 -14.36
C THR A 26 1.90 -4.49 -13.70
N PRO A 27 0.74 -5.14 -13.59
CA PRO A 27 -0.38 -4.54 -12.81
C PRO A 27 0.00 -4.07 -11.42
N ILE A 28 0.99 -4.70 -10.78
CA ILE A 28 1.29 -4.44 -9.38
C ILE A 28 1.73 -3.00 -9.17
N LEU A 29 2.42 -2.41 -10.15
CA LEU A 29 2.84 -1.02 -10.04
C LEU A 29 1.65 -0.09 -9.87
N TRP A 30 0.65 -0.22 -10.74
CA TRP A 30 -0.53 0.64 -10.63
C TRP A 30 -1.38 0.25 -9.45
N VAL A 31 -1.31 -1.01 -9.00
CA VAL A 31 -2.01 -1.39 -7.78
C VAL A 31 -1.43 -0.64 -6.59
N THR A 32 -0.10 -0.52 -6.52
CA THR A 32 0.51 0.34 -5.52
C THR A 32 0.11 1.79 -5.71
N THR A 33 0.07 2.24 -6.97
CA THR A 33 -0.26 3.64 -7.23
C THR A 33 -1.64 4.00 -6.70
N GLN A 34 -2.61 3.12 -6.86
CA GLN A 34 -3.94 3.35 -6.33
C GLN A 34 -3.99 3.33 -4.81
N SER A 35 -3.00 2.74 -4.15
CA SER A 35 -3.02 2.57 -2.69
C SER A 35 -2.33 3.71 -1.95
N MET A 36 -1.25 4.27 -2.51
CA MET A 36 -0.55 5.38 -1.91
C MET A 36 -1.06 6.73 -2.39
N LEU A 37 -2.12 6.74 -3.19
CA LEU A 37 -2.59 7.98 -3.79
C LEU A 37 -3.16 8.96 -2.78
N GLU A 38 -3.52 8.49 -1.59
CA GLU A 38 -4.09 9.41 -0.59
C GLU A 38 -2.98 10.13 0.14
N ASN A 39 -2.00 10.63 -0.61
CA ASN A 39 -0.94 11.49 -0.11
C ASN A 39 -0.72 12.73 -0.97
N PHE A 40 -1.04 12.68 -2.26
CA PHE A 40 -1.05 13.85 -3.13
C PHE A 40 -2.46 14.28 -3.50
N SER A 41 -3.47 13.45 -3.23
CA SER A 41 -4.86 13.80 -3.49
C SER A 41 -5.52 14.42 -2.26
N ALA A 42 -5.38 13.78 -1.10
CA ALA A 42 -5.87 14.34 0.15
C ALA A 42 -4.73 15.01 0.91
N ALA A 43 -4.17 16.03 0.28
CA ALA A 43 -3.07 16.80 0.85
C ALA A 43 -3.62 18.06 1.50
N VAL A 44 -3.00 18.47 2.59
CA VAL A 44 -3.47 19.62 3.35
C VAL A 44 -2.55 20.82 3.10
N PRO A 45 -2.98 21.79 2.31
CA PRO A 45 -2.18 23.01 2.11
C PRO A 45 -2.42 24.00 3.24
N HIS A 46 -1.61 25.06 3.25
CA HIS A 46 -1.77 26.11 4.25
C HIS A 46 -3.06 26.88 3.99
N HIS A 47 -3.87 27.04 5.02
CA HIS A 47 -5.18 27.67 4.91
C HIS A 47 -5.32 28.81 5.89
N ARG A 48 -6.07 29.84 5.49
CA ARG A 48 -6.38 30.99 6.33
C ARG A 48 -7.90 31.17 6.35
N CYS A 49 -8.34 32.19 7.08
CA CYS A 49 -9.76 32.53 7.13
C CYS A 49 -10.06 33.67 6.16
N TRP A 50 -11.16 33.53 5.43
CA TRP A 50 -11.56 34.56 4.48
C TRP A 50 -11.96 35.83 5.21
N VAL A 51 -11.48 36.96 4.71
CA VAL A 51 -11.71 38.26 5.35
C VAL A 51 -12.14 39.25 4.27
N PRO A 52 -13.16 40.08 4.53
CA PRO A 52 -13.58 41.04 3.51
C PRO A 52 -12.53 42.08 3.14
N LEU A 53 -11.65 42.42 4.09
CA LEU A 53 -10.68 43.47 3.83
C LEU A 53 -9.63 43.03 2.81
N LEU A 54 -9.20 41.78 2.89
CA LEU A 54 -8.31 41.22 1.88
C LEU A 54 -9.11 40.37 0.89
N ASP A 55 -8.40 39.84 -0.11
CA ASP A 55 -9.02 38.99 -1.14
C ASP A 55 -10.19 39.70 -1.80
N ASN A 56 -10.03 41.00 -2.04
CA ASN A 56 -11.07 41.85 -2.63
C ASN A 56 -12.33 41.86 -1.79
N SER A 57 -13.40 42.46 -2.31
CA SER A 57 -14.66 42.53 -1.61
C SER A 57 -15.47 41.25 -1.79
N GLY A 68 -0.14 48.29 2.64
CA GLY A 68 0.68 47.21 3.19
C GLY A 68 -0.11 45.95 3.45
N ARG A 69 0.10 44.94 2.60
CA ARG A 69 -0.63 43.68 2.74
C ARG A 69 -0.29 43.00 4.06
N ASP A 70 0.97 43.07 4.49
CA ASP A 70 1.36 42.45 5.75
C ASP A 70 0.63 43.10 6.93
N VAL A 71 0.47 44.42 6.90
CA VAL A 71 -0.27 45.10 7.97
C VAL A 71 -1.72 44.64 7.99
N LEU A 72 -2.33 44.50 6.83
CA LEU A 72 -3.72 44.04 6.75
C LEU A 72 -3.84 42.61 7.29
N LEU A 73 -2.89 41.75 6.94
CA LEU A 73 -2.90 40.39 7.47
C LEU A 73 -2.74 40.38 8.98
N ALA A 74 -1.88 41.27 9.50
CA ALA A 74 -1.68 41.33 10.94
C ALA A 74 -2.94 41.77 11.67
N VAL A 75 -3.61 42.81 11.16
CA VAL A 75 -4.81 43.28 11.86
C VAL A 75 -5.98 42.32 11.71
N SER A 76 -6.17 41.71 10.54
CA SER A 76 -7.35 40.91 10.27
C SER A 76 -7.43 39.63 11.09
N ILE A 77 -6.34 38.88 11.20
CA ILE A 77 -6.35 37.56 11.81
C ILE A 77 -5.49 37.61 13.07
N PRO A 78 -5.93 37.04 14.20
CA PRO A 78 -5.06 36.95 15.36
C PRO A 78 -3.90 36.01 15.09
N PRO A 79 -2.74 36.25 15.70
CA PRO A 79 -1.61 35.34 15.50
C PRO A 79 -1.86 33.97 16.10
N GLY A 80 -1.24 32.97 15.49
CA GLY A 80 -1.31 31.61 15.98
C GLY A 80 -0.10 31.23 16.80
N PRO A 81 -0.11 30.02 17.37
CA PRO A 81 1.01 29.63 18.24
C PRO A 81 2.29 29.32 17.48
N ASP A 82 2.19 28.64 16.34
CA ASP A 82 3.38 28.13 15.65
C ASP A 82 3.95 29.14 14.66
N GLN A 83 4.19 30.37 15.13
CA GLN A 83 4.82 31.42 14.33
C GLN A 83 4.08 31.63 13.01
N ARG A 84 2.76 31.56 13.06
CA ARG A 84 1.90 31.64 11.89
C ARG A 84 0.62 32.37 12.26
N PRO A 85 -0.08 32.93 11.28
CA PRO A 85 -1.44 33.43 11.53
C PRO A 85 -2.37 32.27 11.87
N HIS A 86 -3.38 32.57 12.69
CA HIS A 86 -4.33 31.54 13.09
C HIS A 86 -5.07 30.99 11.89
N GLN A 87 -5.20 29.66 11.83
CA GLN A 87 -5.83 28.99 10.72
C GLN A 87 -7.29 28.62 10.98
N CYS A 88 -7.84 29.02 12.13
CA CYS A 88 -9.21 28.63 12.45
C CYS A 88 -10.01 29.72 13.13
N LEU A 89 -9.51 30.95 13.19
CA LEU A 89 -10.19 32.04 13.89
C LEU A 89 -10.06 33.32 13.08
N ARG A 90 -10.96 34.27 13.36
CA ARG A 90 -10.98 35.53 12.65
C ARG A 90 -11.55 36.61 13.57
N PHE A 91 -10.94 37.79 13.51
CA PHE A 91 -11.42 38.93 14.27
C PHE A 91 -12.79 39.36 13.76
N ARG A 92 -13.68 39.70 14.70
CA ARG A 92 -15.01 40.18 14.33
C ARG A 92 -14.93 41.49 13.57
N GLN A 93 -14.09 42.41 14.03
CA GLN A 93 -13.88 43.70 13.38
C GLN A 93 -12.40 43.99 13.30
N PRO A 94 -11.97 44.78 12.31
CA PRO A 94 -10.54 45.11 12.18
C PRO A 94 -10.02 45.81 13.42
N GLN A 95 -9.08 45.14 14.10
CA GLN A 95 -8.48 45.68 15.32
C GLN A 95 -7.36 46.64 14.92
N TRP A 96 -7.77 47.87 14.59
CA TRP A 96 -6.82 48.90 14.19
C TRP A 96 -5.93 49.37 15.33
N GLN A 97 -6.24 48.98 16.57
CA GLN A 97 -5.38 49.33 17.70
C GLN A 97 -3.98 48.75 17.54
N LEU A 98 -3.84 47.62 16.84
CA LEU A 98 -2.54 47.00 16.61
C LEU A 98 -1.85 47.76 15.49
N ILE A 99 -0.76 48.45 15.83
CA ILE A 99 -0.01 49.21 14.83
C ILE A 99 0.92 48.30 14.05
N ALA A 111 -9.53 38.09 22.49
CA ALA A 111 -10.66 38.73 23.15
C ALA A 111 -11.98 38.22 22.59
N ASP A 112 -12.48 38.90 21.55
CA ASP A 112 -13.73 38.54 20.90
C ASP A 112 -13.41 38.02 19.51
N THR A 113 -13.59 36.72 19.30
CA THR A 113 -13.31 36.08 18.03
C THR A 113 -14.43 35.13 17.67
N GLU A 114 -14.63 34.94 16.37
CA GLU A 114 -15.65 34.05 15.84
C GLU A 114 -15.02 33.12 14.82
N PRO A 115 -15.56 31.91 14.65
CA PRO A 115 -14.99 30.97 13.69
C PRO A 115 -15.35 31.36 12.27
N CYS A 116 -14.62 30.76 11.32
CA CYS A 116 -14.80 31.07 9.91
C CYS A 116 -16.22 30.73 9.47
N GLU A 117 -16.86 31.65 8.76
CA GLU A 117 -18.21 31.44 8.25
C GLU A 117 -18.37 31.77 6.78
N ASP A 118 -17.38 32.41 6.14
CA ASP A 118 -17.41 32.68 4.71
C ASP A 118 -16.52 31.72 3.93
N GLY A 119 -16.08 30.64 4.55
CA GLY A 119 -15.15 29.72 3.93
C GLY A 119 -13.70 30.11 4.17
N TRP A 120 -12.80 29.27 3.66
CA TRP A 120 -11.38 29.45 3.83
C TRP A 120 -10.72 29.87 2.51
N VAL A 121 -9.46 30.25 2.61
CA VAL A 121 -8.60 30.47 1.46
C VAL A 121 -7.35 29.62 1.65
N TYR A 122 -6.77 29.16 0.54
CA TYR A 122 -5.68 28.20 0.59
C TYR A 122 -4.48 28.69 -0.19
N ASP A 123 -3.37 27.98 -0.03
CA ASP A 123 -2.11 28.29 -0.70
C ASP A 123 -2.00 27.42 -1.94
N HIS A 124 -2.23 28.02 -3.11
CA HIS A 124 -2.16 27.30 -4.38
C HIS A 124 -0.78 27.55 -4.99
N SER A 125 0.20 26.87 -4.43
CA SER A 125 1.58 26.94 -4.92
C SER A 125 2.22 25.59 -5.19
N THR A 126 1.75 24.51 -4.55
CA THR A 126 2.31 23.19 -4.79
C THR A 126 1.23 22.26 -5.32
N PHE A 127 -0.01 22.47 -4.89
CA PHE A 127 -1.15 21.69 -5.36
C PHE A 127 -2.23 22.62 -5.87
N ARG A 128 -2.84 22.25 -7.00
CA ARG A 128 -3.87 23.08 -7.61
C ARG A 128 -5.23 22.88 -6.95
N SER A 129 -5.60 21.64 -6.67
CA SER A 129 -6.89 21.36 -6.04
C SER A 129 -6.84 19.97 -5.42
N THR A 130 -6.99 19.91 -4.10
CA THR A 130 -7.08 18.65 -3.38
C THR A 130 -8.49 18.47 -2.83
N ILE A 131 -8.78 17.26 -2.35
CA ILE A 131 -10.11 17.01 -1.80
C ILE A 131 -10.32 17.84 -0.54
N VAL A 132 -9.25 18.13 0.20
CA VAL A 132 -9.35 19.03 1.34
C VAL A 132 -9.76 20.42 0.90
N THR A 133 -9.16 20.92 -0.19
CA THR A 133 -9.57 22.20 -0.74
C THR A 133 -11.00 22.16 -1.23
N THR A 134 -11.39 21.05 -1.88
CA THR A 134 -12.72 20.98 -2.49
C THR A 134 -13.83 20.95 -1.45
N TRP A 135 -13.72 20.09 -0.44
CA TRP A 135 -14.81 19.85 0.48
C TRP A 135 -14.57 20.41 1.88
N ASP A 136 -13.51 21.20 2.06
CA ASP A 136 -13.25 21.91 3.32
C ASP A 136 -13.16 20.95 4.50
N LEU A 137 -12.24 19.99 4.39
CA LEU A 137 -11.98 19.04 5.46
C LEU A 137 -10.85 19.57 6.37
N VAL A 138 -11.07 20.78 6.88
CA VAL A 138 -10.13 21.45 7.76
C VAL A 138 -10.86 21.98 8.98
N CYS A 139 -10.09 22.50 9.93
CA CYS A 139 -10.61 23.19 11.11
C CYS A 139 -11.40 22.18 11.95
N ASP A 140 -12.69 22.40 12.20
CA ASP A 140 -13.44 21.52 13.09
C ASP A 140 -13.60 20.12 12.48
N SER A 141 -13.83 20.05 11.17
CA SER A 141 -14.00 18.76 10.49
C SER A 141 -12.66 18.20 10.03
N GLN A 142 -11.71 18.18 10.97
CA GLN A 142 -10.38 17.64 10.74
C GLN A 142 -10.35 16.11 10.81
N ALA A 143 -11.18 15.52 11.67
CA ALA A 143 -11.17 14.08 11.88
C ALA A 143 -11.63 13.28 10.67
N LEU A 144 -12.27 13.92 9.69
CA LEU A 144 -12.76 13.19 8.52
C LEU A 144 -11.61 12.65 7.69
N ARG A 145 -10.53 13.41 7.56
CA ARG A 145 -9.42 13.00 6.71
C ARG A 145 -8.76 11.70 7.16
N PRO A 146 -8.42 11.50 8.46
CA PRO A 146 -7.79 10.23 8.84
C PRO A 146 -8.77 9.08 8.94
N MET A 147 -9.99 9.26 8.42
CA MET A 147 -10.98 8.21 8.40
C MET A 147 -11.17 7.61 7.01
N ALA A 148 -10.92 8.38 5.95
CA ALA A 148 -11.00 7.83 4.60
C ALA A 148 -9.98 6.72 4.38
N GLN A 149 -8.75 6.90 4.87
CA GLN A 149 -7.73 5.86 4.78
C GLN A 149 -8.10 4.62 5.57
N SER A 150 -8.67 4.80 6.77
CA SER A 150 -9.13 3.66 7.54
C SER A 150 -10.23 2.90 6.80
N ILE A 151 -11.16 3.63 6.18
CA ILE A 151 -12.21 3.00 5.39
C ILE A 151 -11.61 2.22 4.23
N PHE A 152 -10.62 2.82 3.56
CA PHE A 152 -9.96 2.15 2.44
C PHE A 152 -9.30 0.85 2.88
N LEU A 153 -8.60 0.88 4.02
CA LEU A 153 -7.92 -0.32 4.49
C LEU A 153 -8.91 -1.39 4.95
N ALA A 154 -10.01 -0.98 5.59
CA ALA A 154 -11.06 -1.94 5.92
C ALA A 154 -11.65 -2.56 4.66
N GLY A 155 -11.78 -1.75 3.60
CA GLY A 155 -12.24 -2.29 2.33
C GLY A 155 -11.28 -3.32 1.76
N ILE A 156 -9.98 -3.04 1.84
CA ILE A 156 -9.00 -4.03 1.39
C ILE A 156 -9.14 -5.33 2.18
N LEU A 157 -9.28 -5.22 3.50
CA LEU A 157 -9.41 -6.40 4.33
C LEU A 157 -10.65 -7.21 3.96
N VAL A 158 -11.80 -6.54 3.85
CA VAL A 158 -13.03 -7.23 3.51
C VAL A 158 -12.98 -7.85 2.12
N GLY A 159 -12.48 -7.12 1.12
CA GLY A 159 -12.39 -7.65 -0.22
C GLY A 159 -11.46 -8.84 -0.33
N ALA A 160 -10.37 -8.82 0.45
CA ALA A 160 -9.48 -9.97 0.48
C ALA A 160 -10.10 -11.17 1.19
N ALA A 161 -10.89 -10.94 2.23
CA ALA A 161 -11.56 -12.04 2.91
C ALA A 161 -12.59 -12.72 2.01
N VAL A 162 -13.35 -11.93 1.27
CA VAL A 162 -14.42 -12.48 0.43
C VAL A 162 -13.84 -13.25 -0.75
N CYS A 163 -12.79 -12.69 -1.38
CA CYS A 163 -12.24 -13.29 -2.60
C CYS A 163 -11.71 -14.70 -2.36
N GLY A 164 -11.31 -15.04 -1.13
CA GLY A 164 -10.76 -16.36 -0.89
C GLY A 164 -11.72 -17.48 -1.23
N HIS A 165 -12.95 -17.38 -0.75
CA HIS A 165 -13.99 -18.33 -1.14
C HIS A 165 -14.79 -17.81 -2.34
N ALA A 166 -14.06 -17.38 -3.37
CA ALA A 166 -14.68 -16.91 -4.60
C ALA A 166 -13.94 -17.47 -5.80
N SER A 167 -12.68 -17.87 -5.59
CA SER A 167 -11.85 -18.44 -6.63
C SER A 167 -11.95 -19.96 -6.71
N ASP A 168 -12.81 -20.56 -5.89
CA ASP A 168 -13.02 -21.99 -5.92
C ASP A 168 -14.32 -22.40 -6.60
N ARG A 169 -15.16 -21.43 -6.97
CA ARG A 169 -16.40 -21.71 -7.68
C ARG A 169 -16.49 -20.99 -9.02
N PHE A 170 -15.64 -19.99 -9.26
CA PHE A 170 -15.66 -19.23 -10.50
C PHE A 170 -14.38 -19.37 -11.32
N GLY A 171 -13.36 -20.05 -10.81
CA GLY A 171 -12.08 -20.13 -11.48
C GLY A 171 -11.05 -19.24 -10.83
N ARG A 172 -9.95 -19.05 -11.55
CA ARG A 172 -8.86 -18.21 -11.06
C ARG A 172 -8.38 -17.17 -12.07
N ARG A 173 -8.75 -17.29 -13.34
CA ARG A 173 -8.41 -16.26 -14.32
C ARG A 173 -9.59 -15.32 -14.56
N ARG A 174 -10.82 -15.83 -14.51
CA ARG A 174 -11.99 -14.98 -14.69
C ARG A 174 -12.08 -13.94 -13.58
N VAL A 175 -11.80 -14.35 -12.34
CA VAL A 175 -11.86 -13.41 -11.22
C VAL A 175 -10.86 -12.29 -11.41
N LEU A 176 -9.68 -12.59 -11.95
CA LEU A 176 -8.68 -11.56 -12.19
C LEU A 176 -9.17 -10.52 -13.18
N THR A 177 -9.76 -10.96 -14.30
CA THR A 177 -10.25 -10.02 -15.30
C THR A 177 -11.41 -9.19 -14.77
N TRP A 178 -12.35 -9.83 -14.08
CA TRP A 178 -13.47 -9.07 -13.53
C TRP A 178 -13.01 -8.08 -12.46
N SER A 179 -11.99 -8.45 -11.68
CA SER A 179 -11.47 -7.51 -10.70
C SER A 179 -10.74 -6.35 -11.37
N TYR A 180 -10.04 -6.60 -12.48
CA TYR A 180 -9.46 -5.51 -13.25
C TYR A 180 -10.55 -4.55 -13.72
N LEU A 181 -11.63 -5.08 -14.28
CA LEU A 181 -12.71 -4.23 -14.75
C LEU A 181 -13.34 -3.44 -13.61
N LEU A 182 -13.56 -4.09 -12.47
CA LEU A 182 -14.15 -3.41 -11.33
C LEU A 182 -13.24 -2.28 -10.84
N VAL A 183 -11.93 -2.52 -10.77
CA VAL A 183 -11.00 -1.46 -10.36
C VAL A 183 -11.11 -0.29 -11.32
N SER A 184 -11.08 -0.56 -12.62
CA SER A 184 -11.11 0.52 -13.60
C SER A 184 -12.40 1.34 -13.48
N VAL A 185 -13.55 0.66 -13.48
CA VAL A 185 -14.83 1.37 -13.48
C VAL A 185 -15.01 2.14 -12.18
N SER A 186 -14.71 1.50 -11.04
CA SER A 186 -14.92 2.17 -9.76
C SER A 186 -13.98 3.36 -9.58
N GLY A 187 -12.71 3.22 -10.02
CA GLY A 187 -11.80 4.34 -9.94
C GLY A 187 -12.21 5.49 -10.83
N THR A 188 -12.68 5.20 -12.04
CA THR A 188 -13.14 6.27 -12.92
C THR A 188 -14.37 6.96 -12.35
N ILE A 189 -15.31 6.19 -11.80
CA ILE A 189 -16.53 6.78 -11.26
C ILE A 189 -16.24 7.62 -10.02
N ALA A 190 -15.30 7.15 -9.18
CA ALA A 190 -14.98 7.85 -7.94
C ALA A 190 -14.38 9.23 -8.17
N ALA A 191 -13.87 9.52 -9.36
CA ALA A 191 -13.26 10.80 -9.66
C ALA A 191 -14.28 11.85 -10.09
N LEU A 192 -15.56 11.51 -10.14
CA LEU A 192 -16.60 12.43 -10.56
C LEU A 192 -17.71 12.54 -9.52
N MET A 193 -17.36 12.35 -8.24
CA MET A 193 -18.41 12.43 -7.24
C MET A 193 -18.47 13.82 -6.61
N PRO A 194 -19.68 14.33 -6.35
CA PRO A 194 -19.80 15.68 -5.82
C PRO A 194 -19.91 15.75 -4.30
N THR A 195 -19.98 14.61 -3.64
CA THR A 195 -20.28 14.58 -2.21
C THR A 195 -19.43 13.50 -1.54
N PHE A 196 -18.95 13.81 -0.34
CA PHE A 196 -17.89 13.01 0.29
C PHE A 196 -18.26 11.54 0.52
N PRO A 197 -19.41 11.19 1.11
CA PRO A 197 -19.67 9.75 1.36
C PRO A 197 -19.67 8.91 0.09
N LEU A 198 -20.13 9.47 -1.04
CA LEU A 198 -20.05 8.71 -2.29
C LEU A 198 -18.60 8.41 -2.67
N TYR A 199 -17.72 9.41 -2.50
CA TYR A 199 -16.30 9.19 -2.75
C TYR A 199 -15.74 8.11 -1.83
N CYS A 200 -16.12 8.14 -0.55
CA CYS A 200 -15.64 7.12 0.38
C CYS A 200 -16.12 5.73 0.00
N LEU A 201 -17.38 5.61 -0.39
CA LEU A 201 -17.92 4.31 -0.78
C LEU A 201 -17.23 3.77 -2.03
N PHE A 202 -17.00 4.63 -3.02
CA PHE A 202 -16.35 4.14 -4.23
C PHE A 202 -14.88 3.81 -3.99
N ARG A 203 -14.21 4.53 -3.09
CA ARG A 203 -12.86 4.13 -2.71
C ARG A 203 -12.87 2.79 -1.97
N PHE A 204 -13.90 2.53 -1.17
CA PHE A 204 -14.05 1.23 -0.53
C PHE A 204 -14.14 0.12 -1.58
N LEU A 205 -14.97 0.33 -2.61
CA LEU A 205 -15.09 -0.66 -3.67
C LEU A 205 -13.77 -0.86 -4.40
N VAL A 206 -13.06 0.24 -4.68
CA VAL A 206 -11.75 0.16 -5.33
C VAL A 206 -10.79 -0.68 -4.49
N ALA A 207 -10.79 -0.47 -3.17
CA ALA A 207 -9.90 -1.22 -2.30
C ALA A 207 -10.22 -2.70 -2.32
N SER A 208 -11.51 -3.05 -2.27
CA SER A 208 -11.89 -4.47 -2.31
C SER A 208 -11.42 -5.13 -3.60
N ALA A 209 -11.65 -4.45 -4.74
CA ALA A 209 -11.24 -5.03 -6.01
C ALA A 209 -9.72 -5.14 -6.10
N VAL A 210 -8.99 -4.17 -5.53
CA VAL A 210 -7.53 -4.23 -5.53
C VAL A 210 -7.03 -5.42 -4.73
N ALA A 211 -7.65 -5.68 -3.56
CA ALA A 211 -7.26 -6.84 -2.78
C ALA A 211 -7.52 -8.13 -3.54
N GLY A 212 -8.66 -8.21 -4.23
CA GLY A 212 -8.92 -9.38 -5.06
C GLY A 212 -7.86 -9.58 -6.13
N VAL A 213 -7.48 -8.49 -6.81
CA VAL A 213 -6.43 -8.57 -7.83
C VAL A 213 -5.13 -9.09 -7.22
N MET A 214 -4.78 -8.55 -6.05
CA MET A 214 -3.54 -8.95 -5.38
C MET A 214 -3.52 -10.45 -5.12
N MET A 215 -4.56 -10.95 -4.47
CA MET A 215 -4.60 -12.36 -4.09
C MET A 215 -4.59 -13.27 -5.32
N ASN A 216 -5.39 -12.92 -6.33
CA ASN A 216 -5.49 -13.78 -7.50
C ASN A 216 -4.17 -13.80 -8.28
N THR A 217 -3.52 -12.64 -8.41
CA THR A 217 -2.24 -12.60 -9.09
C THR A 217 -1.20 -13.43 -8.35
N ALA A 218 -1.16 -13.32 -7.02
CA ALA A 218 -0.20 -14.10 -6.25
C ALA A 218 -0.44 -15.59 -6.45
N SER A 219 -1.69 -16.03 -6.36
CA SER A 219 -1.98 -17.46 -6.50
C SER A 219 -1.65 -17.95 -7.91
N LEU A 220 -1.98 -17.16 -8.93
CA LEU A 220 -1.71 -17.56 -10.30
C LEU A 220 -0.21 -17.67 -10.54
N LEU A 221 0.58 -16.74 -10.00
CA LEU A 221 2.03 -16.84 -10.14
C LEU A 221 2.55 -18.08 -9.43
N MET A 222 1.97 -18.41 -8.26
CA MET A 222 2.42 -19.59 -7.53
C MET A 222 2.14 -20.88 -8.30
N GLU A 223 0.94 -21.00 -8.88
CA GLU A 223 0.48 -22.31 -9.34
C GLU A 223 1.24 -22.80 -10.56
N TRP A 224 1.38 -21.95 -11.58
CA TRP A 224 1.92 -22.42 -12.86
C TRP A 224 3.42 -22.70 -12.80
N THR A 225 4.11 -22.28 -11.76
CA THR A 225 5.55 -22.38 -11.71
C THR A 225 5.97 -23.67 -11.02
N SER A 226 7.17 -24.14 -11.36
CA SER A 226 7.69 -25.41 -10.88
C SER A 226 8.11 -25.30 -9.41
N ALA A 227 8.80 -26.32 -8.91
CA ALA A 227 9.11 -26.41 -7.49
C ALA A 227 9.95 -25.24 -6.98
N GLN A 228 10.65 -24.53 -7.87
CA GLN A 228 11.46 -23.39 -7.49
C GLN A 228 10.65 -22.10 -7.45
N ALA A 229 9.33 -22.18 -7.28
CA ALA A 229 8.49 -21.00 -7.23
C ALA A 229 8.66 -20.22 -5.93
N GLY A 230 9.10 -20.89 -4.88
CA GLY A 230 9.25 -20.22 -3.58
C GLY A 230 10.14 -19.02 -3.77
N PRO A 231 11.28 -19.18 -4.47
CA PRO A 231 12.12 -18.05 -4.78
C PRO A 231 11.54 -17.11 -5.83
N LEU A 232 12.42 -16.57 -6.66
CA LEU A 232 12.01 -15.59 -7.68
C LEU A 232 10.52 -15.28 -7.53
N MET A 233 9.65 -16.04 -8.19
CA MET A 233 8.19 -15.70 -8.19
C MET A 233 7.86 -14.83 -6.98
N MET A 234 7.86 -15.39 -5.79
CA MET A 234 7.43 -14.58 -4.63
C MET A 234 8.25 -13.29 -4.54
N THR A 235 9.58 -13.36 -4.65
CA THR A 235 10.35 -12.09 -4.67
C THR A 235 9.81 -11.19 -5.77
N LEU A 236 9.77 -11.66 -7.01
CA LEU A 236 9.37 -10.78 -8.14
C LEU A 236 8.14 -9.96 -7.73
N ASN A 237 7.25 -10.50 -6.90
CA ASN A 237 6.09 -9.68 -6.44
C ASN A 237 6.61 -8.44 -5.71
N ALA A 238 7.21 -8.60 -4.55
CA ALA A 238 7.63 -7.41 -3.78
C ALA A 238 8.25 -6.37 -4.70
N LEU A 239 9.29 -6.72 -5.44
CA LEU A 239 9.92 -5.66 -6.25
C LEU A 239 8.79 -4.83 -6.84
N GLY A 240 7.79 -5.47 -7.42
CA GLY A 240 6.63 -4.71 -7.92
C GLY A 240 6.31 -3.51 -7.06
N PHE A 241 5.92 -3.72 -5.80
CA PHE A 241 5.65 -2.59 -4.88
C PHE A 241 6.84 -1.63 -4.90
N SER A 242 7.93 -1.92 -4.19
CA SER A 242 9.12 -1.04 -4.28
C SER A 242 9.06 -0.17 -5.54
N PHE A 243 9.29 -0.73 -6.71
CA PHE A 243 9.28 0.17 -7.89
C PHE A 243 7.99 0.97 -7.85
N GLY A 244 6.84 0.31 -7.91
CA GLY A 244 5.55 1.03 -7.95
C GLY A 244 5.63 2.32 -7.17
N GLN A 245 6.11 2.25 -5.95
CA GLN A 245 6.32 3.44 -5.14
C GLN A 245 6.87 4.60 -5.98
N VAL A 246 7.96 4.35 -6.71
CA VAL A 246 8.56 5.38 -7.54
C VAL A 246 7.63 5.81 -8.67
N LEU A 247 6.85 4.87 -9.23
CA LEU A 247 5.87 5.25 -10.24
C LEU A 247 4.83 6.21 -9.66
N THR A 248 4.38 5.96 -8.44
CA THR A 248 3.47 6.85 -7.74
C THR A 248 4.08 8.23 -7.64
N GLY A 249 5.34 8.29 -7.19
CA GLY A 249 6.02 9.56 -7.05
C GLY A 249 6.08 10.35 -8.35
N SER A 250 6.47 9.66 -9.43
CA SER A 250 6.61 10.30 -10.74
C SER A 250 5.27 10.80 -11.26
N VAL A 251 4.24 9.97 -11.17
CA VAL A 251 2.91 10.33 -11.66
C VAL A 251 2.40 11.52 -10.88
N ALA A 252 2.64 11.52 -9.56
CA ALA A 252 2.22 12.64 -8.72
C ALA A 252 2.93 13.93 -9.13
N TYR A 253 4.23 13.83 -9.41
CA TYR A 253 4.95 15.00 -9.89
C TYR A 253 4.37 15.48 -11.22
N GLY A 254 3.85 14.56 -12.01
CA GLY A 254 3.28 14.90 -13.30
C GLY A 254 2.00 15.72 -13.21
N VAL A 255 0.94 15.12 -12.69
CA VAL A 255 -0.38 15.74 -12.62
C VAL A 255 -0.60 16.26 -11.21
N ARG A 256 -1.08 17.50 -11.10
CA ARG A 256 -1.24 18.16 -9.81
C ARG A 256 -2.67 18.16 -9.30
N SER A 257 -3.65 18.34 -10.18
CA SER A 257 -5.05 18.33 -9.76
C SER A 257 -5.45 16.93 -9.28
N TRP A 258 -6.51 16.87 -8.47
CA TRP A 258 -6.95 15.61 -7.90
C TRP A 258 -8.01 14.90 -8.72
N ARG A 259 -8.83 15.64 -9.47
CA ARG A 259 -9.77 14.99 -10.37
C ARG A 259 -9.08 14.36 -11.57
N MET A 260 -8.02 14.98 -12.07
CA MET A 260 -7.26 14.45 -13.20
C MET A 260 -6.17 13.49 -12.76
N LEU A 261 -6.02 13.24 -11.46
CA LEU A 261 -5.09 12.23 -10.99
C LEU A 261 -5.74 10.86 -10.87
N GLN A 262 -6.94 10.81 -10.30
CA GLN A 262 -7.65 9.53 -10.18
C GLN A 262 -7.96 8.95 -11.55
N LEU A 263 -8.40 9.79 -12.49
CA LEU A 263 -8.69 9.30 -13.83
C LEU A 263 -7.42 8.80 -14.52
N ALA A 264 -6.34 9.55 -14.43
CA ALA A 264 -5.08 9.15 -15.04
C ALA A 264 -4.51 7.89 -14.41
N VAL A 265 -4.84 7.61 -13.15
CA VAL A 265 -4.35 6.41 -12.48
C VAL A 265 -5.23 5.20 -12.82
N SER A 266 -6.54 5.38 -12.88
CA SER A 266 -7.44 4.26 -13.12
C SER A 266 -7.70 3.97 -14.59
N ALA A 267 -7.23 4.83 -15.50
CA ALA A 267 -7.41 4.54 -16.92
C ALA A 267 -6.68 3.29 -17.40
N PRO A 268 -5.42 3.02 -17.04
CA PRO A 268 -4.74 1.83 -17.60
C PRO A 268 -5.45 0.51 -17.31
N PHE A 269 -6.18 0.42 -16.19
CA PHE A 269 -6.76 -0.85 -15.82
C PHE A 269 -7.76 -1.36 -16.86
N PHE A 270 -8.35 -0.46 -17.64
CA PHE A 270 -9.23 -0.90 -18.72
C PHE A 270 -8.46 -1.68 -19.78
N LEU A 271 -7.31 -1.15 -20.21
CA LEU A 271 -6.47 -1.89 -21.15
C LEU A 271 -5.93 -3.16 -20.52
N PHE A 272 -5.65 -3.14 -19.23
CA PHE A 272 -5.22 -4.35 -18.53
C PHE A 272 -6.28 -5.43 -18.61
N PHE A 273 -7.54 -5.05 -18.35
CA PHE A 273 -8.65 -6.00 -18.48
C PHE A 273 -8.82 -6.46 -19.92
N VAL A 274 -8.61 -5.56 -20.88
CA VAL A 274 -8.77 -5.93 -22.28
C VAL A 274 -7.75 -6.98 -22.68
N TYR A 275 -6.48 -6.79 -22.30
CA TYR A 275 -5.46 -7.73 -22.72
C TYR A 275 -5.35 -8.96 -21.82
N SER A 276 -6.01 -8.95 -20.66
CA SER A 276 -6.00 -10.13 -19.81
C SER A 276 -6.95 -11.22 -20.27
N TRP A 277 -7.49 -11.13 -21.49
CA TRP A 277 -8.41 -12.13 -22.00
C TRP A 277 -7.71 -13.28 -22.70
N TRP A 278 -6.38 -13.31 -22.69
CA TRP A 278 -5.62 -14.35 -23.37
C TRP A 278 -4.69 -15.14 -22.48
N LEU A 279 -4.48 -14.71 -21.24
CA LEU A 279 -3.58 -15.43 -20.34
C LEU A 279 -4.20 -16.79 -19.98
N PRO A 280 -3.49 -17.89 -20.15
CA PRO A 280 -4.05 -19.20 -19.82
C PRO A 280 -4.42 -19.30 -18.35
N GLU A 281 -5.51 -20.02 -18.08
CA GLU A 281 -5.96 -20.23 -16.71
C GLU A 281 -5.18 -21.38 -16.08
N SER A 282 -5.04 -21.31 -14.76
CA SER A 282 -4.28 -22.33 -14.04
C SER A 282 -4.88 -23.71 -14.27
N ALA A 283 -4.04 -24.66 -14.66
CA ALA A 283 -4.51 -25.99 -15.01
C ALA A 283 -4.70 -26.89 -13.79
N ARG A 284 -4.00 -26.63 -12.69
CA ARG A 284 -4.19 -27.45 -11.50
C ARG A 284 -5.61 -27.32 -10.96
N TRP A 285 -6.16 -26.11 -10.97
CA TRP A 285 -7.53 -25.90 -10.50
C TRP A 285 -8.52 -26.66 -11.37
N LEU A 286 -8.31 -26.67 -12.69
CA LEU A 286 -9.24 -27.32 -13.60
C LEU A 286 -9.33 -28.81 -13.35
N ILE A 287 -8.24 -29.44 -12.89
CA ILE A 287 -8.24 -30.87 -12.67
C ILE A 287 -9.13 -31.25 -11.50
N THR A 288 -9.05 -30.50 -10.40
CA THR A 288 -9.80 -30.83 -9.20
C THR A 288 -11.31 -30.69 -9.39
N VAL A 289 -11.78 -29.88 -10.34
CA VAL A 289 -13.21 -29.69 -10.56
C VAL A 289 -13.78 -30.69 -11.55
N GLY A 290 -13.02 -31.12 -12.55
CA GLY A 290 -13.48 -32.09 -13.51
C GLY A 290 -13.54 -31.60 -14.94
N ARG A 291 -12.89 -30.48 -15.26
CA ARG A 291 -12.87 -29.96 -16.63
C ARG A 291 -11.60 -30.42 -17.32
N LEU A 292 -11.64 -31.67 -17.78
CA LEU A 292 -10.44 -32.30 -18.34
C LEU A 292 -10.09 -31.74 -19.71
N ASP A 293 -11.10 -31.47 -20.55
CA ASP A 293 -10.83 -30.99 -21.90
C ASP A 293 -10.18 -29.61 -21.88
N GLN A 294 -10.68 -28.72 -21.02
CA GLN A 294 -10.07 -27.40 -20.88
C GLN A 294 -8.64 -27.51 -20.38
N SER A 295 -8.40 -28.40 -19.43
CA SER A 295 -7.04 -28.59 -18.93
C SER A 295 -6.12 -29.10 -20.02
N LEU A 296 -6.61 -30.02 -20.86
CA LEU A 296 -5.81 -30.52 -21.97
C LEU A 296 -5.45 -29.39 -22.93
N ARG A 297 -6.45 -28.58 -23.32
CA ARG A 297 -6.18 -27.48 -24.24
C ARG A 297 -5.18 -26.51 -23.62
N GLU A 298 -5.34 -26.22 -22.32
CA GLU A 298 -4.44 -25.30 -21.63
C GLU A 298 -3.00 -25.82 -21.64
N LEU A 299 -2.82 -27.09 -21.28
CA LEU A 299 -1.48 -27.66 -21.22
C LEU A 299 -0.85 -27.73 -22.60
N GLN A 300 -1.64 -28.07 -23.62
CA GLN A 300 -1.10 -28.12 -24.98
C GLN A 300 -0.66 -26.74 -25.45
N ARG A 301 -1.45 -25.70 -25.17
CA ARG A 301 -1.05 -24.37 -25.64
C ARG A 301 0.16 -23.86 -24.86
N VAL A 302 0.25 -24.16 -23.56
CA VAL A 302 1.45 -23.80 -22.81
C VAL A 302 2.67 -24.53 -23.35
N ALA A 303 2.52 -25.82 -23.69
CA ALA A 303 3.64 -26.57 -24.26
C ALA A 303 4.06 -25.99 -25.60
N ALA A 304 3.09 -25.60 -26.43
CA ALA A 304 3.41 -25.01 -27.73
C ALA A 304 4.16 -23.69 -27.56
N VAL A 305 3.73 -22.86 -26.60
CA VAL A 305 4.44 -21.61 -26.35
C VAL A 305 5.85 -21.87 -25.85
N ASN A 306 5.99 -22.83 -24.94
CA ASN A 306 7.30 -23.17 -24.39
C ASN A 306 8.18 -23.91 -25.39
N ARG A 307 7.64 -24.32 -26.53
CA ARG A 307 8.34 -25.03 -27.61
C ARG A 307 8.80 -26.43 -27.20
N ARG A 308 8.35 -26.94 -26.06
CA ARG A 308 8.65 -28.31 -25.65
C ARG A 308 7.56 -29.27 -26.12
N LYS A 309 7.27 -29.25 -27.42
CA LYS A 309 6.22 -30.09 -28.00
C LYS A 309 6.79 -31.47 -28.36
N ALA A 310 7.37 -32.11 -27.35
CA ALA A 310 7.96 -33.44 -27.49
C ALA A 310 7.34 -34.46 -26.57
N GLU A 311 7.07 -34.10 -25.31
CA GLU A 311 6.46 -35.01 -24.35
C GLU A 311 4.96 -34.80 -24.21
N ALA A 312 4.37 -33.89 -24.99
CA ALA A 312 2.94 -33.59 -24.85
C ALA A 312 2.06 -34.72 -25.36
N ASP A 313 2.56 -35.56 -26.26
CA ASP A 313 1.74 -36.63 -26.82
C ASP A 313 1.36 -37.66 -25.76
N THR A 314 2.08 -37.71 -24.65
CA THR A 314 1.78 -38.67 -23.59
C THR A 314 0.45 -38.36 -22.92
N LEU A 315 0.02 -37.10 -22.94
CA LEU A 315 -1.22 -36.69 -22.29
C LEU A 315 -2.40 -37.17 -23.11
N THR A 316 -3.03 -38.27 -22.67
CA THR A 316 -4.19 -38.87 -23.34
C THR A 316 -5.35 -39.01 -22.36
N VAL A 317 -5.64 -37.93 -21.63
CA VAL A 317 -6.78 -37.84 -20.71
C VAL A 317 -6.62 -38.79 -19.54
N GLU A 318 -6.29 -40.05 -19.82
CA GLU A 318 -6.29 -41.08 -18.78
C GLU A 318 -5.26 -40.78 -17.69
N VAL A 319 -4.10 -40.23 -18.08
CA VAL A 319 -3.09 -39.87 -17.09
C VAL A 319 -3.63 -38.82 -16.13
N LEU A 320 -4.27 -37.79 -16.67
CA LEU A 320 -4.86 -36.75 -15.83
C LEU A 320 -6.09 -37.27 -15.09
N ARG A 321 -6.81 -38.23 -15.68
CA ARG A 321 -7.92 -38.85 -14.96
C ARG A 321 -7.43 -39.58 -13.72
N SER A 322 -6.30 -40.28 -13.84
CA SER A 322 -5.71 -40.93 -12.68
C SER A 322 -5.12 -39.91 -11.72
N ALA A 323 -4.65 -38.78 -12.24
CA ALA A 323 -4.07 -37.75 -11.38
C ALA A 323 -5.10 -37.19 -10.41
N MET A 324 -6.32 -36.97 -10.88
CA MET A 324 -7.38 -36.43 -10.03
C MET A 324 -7.74 -37.38 -8.89
N ARG A 347 3.02 -23.13 19.47
CA ARG A 347 1.98 -22.13 19.48
C ARG A 347 2.56 -20.74 19.73
N LEU A 348 3.62 -20.69 20.55
CA LEU A 348 4.26 -19.42 20.87
C LEU A 348 4.86 -18.77 19.62
N ARG A 349 5.47 -19.58 18.77
CA ARG A 349 6.05 -19.04 17.53
C ARG A 349 4.98 -18.42 16.65
N THR A 350 3.80 -19.05 16.59
CA THR A 350 2.70 -18.47 15.84
C THR A 350 2.29 -17.11 16.38
N PHE A 351 2.20 -16.98 17.71
CA PHE A 351 1.85 -15.71 18.31
C PHE A 351 2.90 -14.65 18.03
N ILE A 352 4.18 -15.04 18.08
CA ILE A 352 5.25 -14.09 17.76
C ILE A 352 5.13 -13.62 16.32
N SER A 353 4.84 -14.55 15.40
CA SER A 353 4.67 -14.16 14.00
C SER A 353 3.50 -13.20 13.81
N MET A 354 2.37 -13.48 14.48
CA MET A 354 1.22 -12.58 14.38
C MET A 354 1.55 -11.20 14.93
N LEU A 355 2.26 -11.15 16.06
CA LEU A 355 2.63 -9.87 16.64
C LEU A 355 3.56 -9.09 15.71
N CYS A 356 4.54 -9.77 15.11
CA CYS A 356 5.45 -9.08 14.20
C CYS A 356 4.70 -8.54 12.99
N TRP A 357 3.82 -9.35 12.40
CA TRP A 357 3.04 -8.88 11.25
C TRP A 357 2.16 -7.69 11.63
N PHE A 358 1.51 -7.77 12.79
CA PHE A 358 0.65 -6.67 13.24
C PHE A 358 1.45 -5.40 13.42
N ALA A 359 2.61 -5.49 14.09
CA ALA A 359 3.41 -4.29 14.32
C ALA A 359 3.89 -3.68 13.01
N PHE A 360 4.37 -4.53 12.08
CA PHE A 360 4.84 -4.01 10.80
C PHE A 360 3.72 -3.31 10.06
N GLY A 361 2.57 -3.96 9.91
CA GLY A 361 1.48 -3.36 9.17
C GLY A 361 0.99 -2.07 9.81
N PHE A 362 0.76 -2.11 11.11
CA PHE A 362 0.27 -0.93 11.84
C PHE A 362 1.22 0.24 11.65
N THR A 363 2.51 0.05 11.95
CA THR A 363 3.45 1.17 11.88
C THR A 363 3.57 1.69 10.45
N PHE A 364 3.81 0.78 9.49
CA PHE A 364 4.07 1.23 8.13
C PHE A 364 2.87 1.95 7.54
N PHE A 365 1.67 1.42 7.74
CA PHE A 365 0.51 2.02 7.11
C PHE A 365 -0.12 3.12 7.95
N GLY A 366 0.36 3.36 9.15
CA GLY A 366 -0.07 4.53 9.89
C GLY A 366 0.93 5.66 9.82
N LEU A 367 2.13 5.38 9.29
CA LEU A 367 3.16 6.40 9.20
C LEU A 367 3.51 6.79 7.77
N ALA A 368 3.28 5.93 6.78
CA ALA A 368 3.65 6.22 5.41
C ALA A 368 2.55 6.90 4.61
N LEU A 369 1.41 7.21 5.23
CA LEU A 369 0.35 7.95 4.57
C LEU A 369 0.25 9.39 5.08
N ASP A 370 1.32 9.87 5.74
CA ASP A 370 1.34 11.22 6.29
C ASP A 370 2.68 11.91 6.05
N LEU A 371 3.38 11.55 4.98
CA LEU A 371 4.76 11.94 4.76
C LEU A 371 4.99 13.44 4.80
N GLN A 372 3.92 14.24 4.79
CA GLN A 372 4.06 15.68 4.90
C GLN A 372 4.60 16.11 6.25
N ALA A 373 4.56 15.23 7.25
CA ALA A 373 5.08 15.53 8.58
C ALA A 373 6.52 15.08 8.77
N LEU A 374 7.02 14.16 7.94
CA LEU A 374 8.37 13.65 8.08
C LEU A 374 9.42 14.53 7.40
N GLY A 375 9.00 15.54 6.64
CA GLY A 375 9.94 16.39 5.94
C GLY A 375 9.27 17.37 4.99
N SER A 376 9.95 17.71 3.90
CA SER A 376 9.44 18.66 2.92
C SER A 376 9.70 18.10 1.52
N ASN A 377 9.24 18.84 0.51
CA ASN A 377 9.37 18.44 -0.90
C ASN A 377 8.84 17.01 -1.09
N ILE A 378 7.53 16.90 -0.92
CA ILE A 378 6.87 15.59 -0.78
C ILE A 378 7.17 14.69 -1.98
N PHE A 379 7.27 15.26 -3.17
CA PHE A 379 7.51 14.47 -4.36
C PHE A 379 8.83 13.71 -4.33
N LEU A 380 9.85 14.24 -3.66
CA LEU A 380 11.11 13.53 -3.49
C LEU A 380 10.98 12.33 -2.57
N LEU A 381 10.26 12.49 -1.46
CA LEU A 381 9.82 11.33 -0.70
C LEU A 381 8.75 10.59 -1.48
N GLN A 382 8.43 9.38 -1.02
CA GLN A 382 7.45 8.51 -1.67
C GLN A 382 7.98 8.20 -3.08
N ALA A 383 9.25 8.53 -3.29
CA ALA A 383 9.97 8.23 -4.52
C ALA A 383 11.39 7.83 -4.13
N LEU A 384 11.66 7.86 -2.83
CA LEU A 384 12.91 7.37 -2.28
C LEU A 384 12.71 6.18 -1.36
N ILE A 385 11.49 5.59 -1.32
CA ILE A 385 11.23 4.45 -0.47
C ILE A 385 11.36 3.13 -1.20
N GLY A 386 11.66 3.15 -2.50
CA GLY A 386 12.00 1.93 -3.20
C GLY A 386 13.48 1.86 -3.51
N ILE A 387 14.04 2.99 -3.92
CA ILE A 387 15.48 3.11 -4.16
C ILE A 387 16.29 2.89 -2.90
N VAL A 388 15.69 3.11 -1.73
CA VAL A 388 16.29 2.75 -0.46
C VAL A 388 15.89 1.34 -0.04
N ASP A 389 14.66 0.93 -0.36
CA ASP A 389 14.17 -0.40 0.01
C ASP A 389 14.99 -1.53 -0.58
N LEU A 390 15.29 -1.49 -1.88
CA LEU A 390 15.95 -2.64 -2.49
C LEU A 390 17.37 -2.84 -1.96
N PRO A 391 18.29 -1.87 -2.09
CA PRO A 391 19.66 -2.14 -1.60
C PRO A 391 19.69 -2.50 -0.13
N VAL A 392 18.89 -1.83 0.69
CA VAL A 392 18.89 -2.10 2.12
C VAL A 392 18.42 -3.52 2.40
N LYS A 393 17.33 -3.94 1.76
CA LYS A 393 16.80 -5.28 2.03
C LYS A 393 17.79 -6.35 1.58
N MET A 394 18.37 -6.20 0.39
CA MET A 394 19.31 -7.22 -0.08
C MET A 394 20.55 -7.27 0.79
N GLY A 395 21.14 -6.11 1.10
CA GLY A 395 22.34 -6.10 1.93
C GLY A 395 22.10 -6.63 3.32
N SER A 396 21.01 -6.22 3.95
CA SER A 396 20.70 -6.69 5.30
C SER A 396 20.44 -8.19 5.31
N LEU A 397 19.68 -8.69 4.33
CA LEU A 397 19.43 -10.12 4.27
C LEU A 397 20.72 -10.90 4.12
N LEU A 398 21.57 -10.50 3.16
CA LEU A 398 22.81 -11.22 2.92
C LEU A 398 23.73 -11.17 4.13
N LEU A 399 23.81 -10.01 4.79
CA LEU A 399 24.75 -9.86 5.90
C LEU A 399 24.25 -10.55 7.16
N LEU A 400 22.94 -10.60 7.38
CA LEU A 400 22.40 -11.09 8.64
C LEU A 400 21.91 -12.53 8.58
N SER A 401 21.78 -13.12 7.38
CA SER A 401 21.42 -14.53 7.30
C SER A 401 22.50 -15.41 7.89
N ARG A 402 23.77 -15.07 7.66
CA ARG A 402 24.87 -15.89 8.15
C ARG A 402 24.95 -15.86 9.68
N LEU A 403 24.65 -14.71 10.28
CA LEU A 403 24.68 -14.61 11.74
C LEU A 403 23.64 -15.51 12.38
N GLY A 404 22.45 -15.58 11.81
CA GLY A 404 21.39 -16.41 12.33
C GLY A 404 20.03 -15.89 11.91
N ARG A 405 19.07 -16.82 11.85
CA ARG A 405 17.71 -16.45 11.44
C ARG A 405 17.02 -15.61 12.51
N ARG A 406 17.11 -16.03 13.77
CA ARG A 406 16.49 -15.28 14.85
C ARG A 406 17.15 -13.91 15.02
N LEU A 407 18.47 -13.85 14.86
CA LEU A 407 19.16 -12.56 14.94
C LEU A 407 18.67 -11.61 13.85
N CYS A 408 18.54 -12.10 12.62
CA CYS A 408 18.05 -11.27 11.53
C CYS A 408 16.61 -10.83 11.78
N GLN A 409 15.78 -11.74 12.30
CA GLN A 409 14.39 -11.39 12.58
C GLN A 409 14.31 -10.31 13.65
N ALA A 410 15.12 -10.42 14.69
CA ALA A 410 15.08 -9.44 15.78
C ALA A 410 15.64 -8.10 15.33
N SER A 411 16.74 -8.11 14.57
CA SER A 411 17.39 -6.86 14.18
C SER A 411 16.59 -6.05 13.17
N SER A 412 15.58 -6.65 12.54
CA SER A 412 14.81 -5.97 11.51
C SER A 412 13.67 -5.12 12.07
N LEU A 413 13.42 -5.17 13.37
CA LEU A 413 12.31 -4.46 13.98
C LEU A 413 12.73 -3.42 15.00
N VAL A 414 13.80 -3.69 15.77
CA VAL A 414 14.26 -2.71 16.74
C VAL A 414 14.90 -1.52 16.04
N LEU A 415 15.69 -1.78 15.00
CA LEU A 415 16.42 -0.71 14.31
C LEU A 415 15.49 0.35 13.71
N PRO A 416 14.46 0.02 12.92
CA PRO A 416 13.65 1.11 12.34
C PRO A 416 12.75 1.78 13.36
N GLY A 417 12.28 1.07 14.37
CA GLY A 417 11.55 1.72 15.45
C GLY A 417 12.41 2.75 16.18
N LEU A 418 13.65 2.37 16.49
CA LEU A 418 14.57 3.30 17.13
C LEU A 418 14.89 4.47 16.20
N CYS A 419 15.03 4.21 14.90
CA CYS A 419 15.29 5.28 13.96
C CYS A 419 14.13 6.27 13.91
N ILE A 420 12.90 5.77 13.92
CA ILE A 420 11.74 6.66 13.92
C ILE A 420 11.67 7.45 15.22
N LEU A 421 11.93 6.78 16.35
CA LEU A 421 11.93 7.49 17.63
C LEU A 421 12.98 8.58 17.68
N ALA A 422 14.15 8.34 17.09
CA ALA A 422 15.21 9.34 17.10
C ALA A 422 14.87 10.57 16.27
N ASN A 423 13.84 10.49 15.42
CA ASN A 423 13.44 11.65 14.63
C ASN A 423 12.89 12.77 15.51
N ILE A 424 12.17 12.41 16.57
CA ILE A 424 11.66 13.41 17.50
C ILE A 424 12.80 14.12 18.21
N LEU A 425 13.83 13.38 18.64
CA LEU A 425 14.86 13.96 19.48
C LEU A 425 15.61 15.07 18.75
N VAL A 426 15.90 14.87 17.48
CA VAL A 426 16.60 15.91 16.71
C VAL A 426 15.67 17.10 16.54
N PRO A 427 16.19 18.33 16.55
CA PRO A 427 15.33 19.50 16.30
C PRO A 427 15.18 19.75 14.81
N ARG A 428 14.49 20.86 14.50
CA ARG A 428 14.25 21.29 13.13
C ARG A 428 15.47 21.95 12.49
N GLU A 429 16.54 22.18 13.26
CA GLU A 429 17.67 22.97 12.75
C GLU A 429 18.35 22.30 11.56
N MET A 430 18.56 20.99 11.60
CA MET A 430 19.12 20.23 10.48
C MET A 430 17.98 19.50 9.79
N GLY A 431 17.60 19.98 8.61
CA GLY A 431 16.50 19.34 7.88
C GLY A 431 16.90 18.04 7.23
N ILE A 432 18.15 17.95 6.74
CA ILE A 432 18.61 16.74 6.07
C ILE A 432 18.59 15.56 7.02
N LEU A 433 19.11 15.75 8.25
CA LEU A 433 19.00 14.71 9.26
C LEU A 433 17.56 14.51 9.69
N ARG A 434 16.74 15.55 9.62
CA ARG A 434 15.34 15.44 9.99
C ARG A 434 14.57 14.53 9.03
N SER A 435 14.99 14.49 7.77
CA SER A 435 14.30 13.71 6.75
C SER A 435 14.94 12.37 6.43
N SER A 436 16.26 12.24 6.57
CA SER A 436 16.93 11.00 6.19
C SER A 436 16.58 9.86 7.15
N LEU A 437 16.42 10.18 8.44
CA LEU A 437 16.12 9.14 9.42
C LEU A 437 14.81 8.45 9.12
N ALA A 438 13.78 9.22 8.74
CA ALA A 438 12.48 8.62 8.41
C ALA A 438 12.59 7.71 7.19
N VAL A 439 13.34 8.14 6.17
CA VAL A 439 13.51 7.32 4.97
C VAL A 439 14.22 6.01 5.32
N LEU A 440 15.29 6.10 6.12
CA LEU A 440 16.00 4.90 6.53
C LEU A 440 15.11 3.98 7.36
N GLY A 441 14.31 4.55 8.26
CA GLY A 441 13.41 3.76 9.06
C GLY A 441 12.37 3.03 8.24
N LEU A 442 11.75 3.73 7.29
CA LEU A 442 10.78 3.07 6.42
C LEU A 442 11.43 2.00 5.56
N GLY A 443 12.62 2.28 5.02
CA GLY A 443 13.31 1.28 4.20
C GLY A 443 13.65 0.03 5.00
N SER A 444 14.15 0.21 6.22
CA SER A 444 14.46 -0.94 7.07
C SER A 444 13.22 -1.69 7.50
N LEU A 445 12.12 -0.99 7.80
CA LEU A 445 10.89 -1.69 8.16
C LEU A 445 10.29 -2.42 6.98
N GLY A 446 10.59 -1.98 5.76
CA GLY A 446 10.10 -2.68 4.59
C GLY A 446 10.74 -4.04 4.40
N ALA A 447 11.88 -4.28 5.05
CA ALA A 447 12.54 -5.58 4.94
C ALA A 447 11.88 -6.64 5.81
N ALA A 448 10.97 -6.25 6.69
CA ALA A 448 10.36 -7.21 7.61
C ALA A 448 9.49 -8.22 6.86
N PHE A 449 8.66 -7.74 5.93
CA PHE A 449 7.72 -8.61 5.23
C PHE A 449 8.45 -9.55 4.29
N THR A 450 9.72 -9.26 4.01
CA THR A 450 10.54 -10.17 3.21
C THR A 450 11.28 -11.16 4.10
N CYS A 451 11.83 -10.68 5.21
CA CYS A 451 12.61 -11.55 6.09
C CYS A 451 11.72 -12.55 6.82
N VAL A 452 10.50 -12.16 7.17
CA VAL A 452 9.66 -12.98 8.03
C VAL A 452 8.74 -13.87 7.19
N THR A 453 8.88 -13.79 5.86
CA THR A 453 8.06 -14.61 4.98
C THR A 453 8.87 -15.72 4.34
N ILE A 454 10.01 -15.38 3.73
CA ILE A 454 10.84 -16.35 3.05
C ILE A 454 11.78 -17.09 4.00
N PHE A 455 12.48 -16.38 4.88
CA PHE A 455 13.36 -17.01 5.85
C PHE A 455 12.64 -17.55 7.07
N SER A 456 11.59 -16.86 7.53
CA SER A 456 10.75 -17.33 8.62
C SER A 456 9.59 -18.13 8.04
N SER A 457 8.57 -18.37 8.88
CA SER A 457 7.39 -19.18 8.60
C SER A 457 7.71 -20.67 8.59
N GLU A 458 8.96 -21.06 8.82
CA GLU A 458 9.32 -22.45 9.02
C GLU A 458 9.20 -22.88 10.47
N LEU A 459 8.83 -21.95 11.37
CA LEU A 459 8.72 -22.25 12.79
C LEU A 459 7.45 -23.04 13.09
N PHE A 460 7.38 -24.26 12.58
CA PHE A 460 6.20 -25.11 12.68
C PHE A 460 6.58 -26.53 12.26
N PRO A 461 5.67 -27.52 12.35
CA PRO A 461 6.02 -28.89 11.97
C PRO A 461 6.61 -29.07 10.57
N THR A 462 6.65 -27.99 9.78
CA THR A 462 7.30 -27.97 8.47
C THR A 462 6.65 -28.98 7.51
N VAL A 463 5.38 -28.73 7.22
CA VAL A 463 4.66 -29.51 6.22
C VAL A 463 4.50 -28.66 4.97
N ILE A 464 3.86 -27.50 5.10
CA ILE A 464 3.73 -26.56 4.01
C ILE A 464 3.59 -25.15 4.60
N ARG A 465 4.25 -24.19 3.96
CA ARG A 465 4.26 -22.82 4.48
C ARG A 465 3.08 -21.99 4.00
N MET A 466 2.30 -22.48 3.03
CA MET A 466 1.16 -21.72 2.52
C MET A 466 0.04 -21.60 3.53
N THR A 467 -0.02 -22.46 4.54
CA THR A 467 -0.98 -22.35 5.62
C THR A 467 -0.52 -21.39 6.71
N ALA A 468 0.69 -20.85 6.60
CA ALA A 468 1.25 -19.95 7.60
C ALA A 468 1.40 -18.52 7.10
N VAL A 469 1.75 -18.33 5.83
CA VAL A 469 1.95 -16.98 5.29
C VAL A 469 0.64 -16.20 5.35
N GLY A 470 -0.44 -16.81 4.86
CA GLY A 470 -1.73 -16.14 4.92
C GLY A 470 -2.23 -15.92 6.33
N LEU A 471 -2.02 -16.89 7.21
CA LEU A 471 -2.42 -16.74 8.61
C LEU A 471 -1.68 -15.57 9.25
N GLY A 472 -0.39 -15.44 8.97
CA GLY A 472 0.35 -14.28 9.48
C GLY A 472 -0.08 -12.98 8.86
N GLN A 473 -0.38 -12.98 7.56
CA GLN A 473 -0.71 -11.75 6.87
C GLN A 473 -2.13 -11.27 7.15
N VAL A 474 -3.02 -12.13 7.64
CA VAL A 474 -4.32 -11.65 8.08
C VAL A 474 -4.20 -10.57 9.15
N ALA A 475 -3.32 -10.75 10.12
CA ALA A 475 -3.05 -9.73 11.13
C ALA A 475 -2.37 -8.49 10.56
N ALA A 476 -1.71 -8.61 9.41
CA ALA A 476 -1.10 -7.45 8.76
C ALA A 476 -2.12 -6.52 8.14
N ARG A 477 -3.17 -7.06 7.52
CA ARG A 477 -4.29 -6.26 7.03
C ARG A 477 -5.26 -5.87 8.13
N GLY A 478 -5.34 -6.67 9.20
CA GLY A 478 -6.15 -6.31 10.36
C GLY A 478 -5.50 -5.34 11.31
N GLY A 479 -4.24 -4.98 11.08
CA GLY A 479 -3.55 -4.03 11.93
C GLY A 479 -3.35 -2.70 11.25
N ALA A 480 -3.63 -2.62 9.96
CA ALA A 480 -3.55 -1.37 9.22
C ALA A 480 -4.81 -0.54 9.30
N MET A 481 -5.98 -1.19 9.43
CA MET A 481 -7.21 -0.46 9.67
C MET A 481 -7.18 0.24 11.03
N LEU A 482 -6.40 -0.30 11.97
CA LEU A 482 -6.19 0.31 13.28
C LEU A 482 -4.95 1.19 13.22
N GLY A 483 -4.67 1.73 12.04
CA GLY A 483 -3.47 2.47 11.77
C GLY A 483 -3.68 3.97 11.87
N PRO A 484 -3.98 4.61 10.73
CA PRO A 484 -4.14 6.07 10.71
C PRO A 484 -5.10 6.62 11.75
N LEU A 485 -5.90 5.74 12.38
CA LEU A 485 -6.74 6.19 13.49
C LEU A 485 -5.90 6.73 14.64
N VAL A 486 -4.65 6.30 14.76
CA VAL A 486 -3.77 6.85 15.78
C VAL A 486 -3.46 8.32 15.49
N ARG A 487 -3.40 8.70 14.22
CA ARG A 487 -3.13 10.09 13.87
C ARG A 487 -4.25 11.03 14.32
N LEU A 488 -5.40 10.48 14.71
CA LEU A 488 -6.46 11.29 15.28
C LEU A 488 -6.09 11.90 16.62
N LEU A 489 -4.95 11.49 17.19
CA LEU A 489 -4.45 12.04 18.45
C LEU A 489 -3.56 13.26 18.24
N GLY A 490 -3.78 14.02 17.17
CA GLY A 490 -3.00 15.23 16.95
C GLY A 490 -3.17 16.23 18.08
N VAL A 491 -4.40 16.41 18.56
CA VAL A 491 -4.62 17.19 19.76
C VAL A 491 -4.00 16.48 20.96
N TYR A 492 -3.86 17.22 22.06
CA TYR A 492 -3.14 16.73 23.24
C TYR A 492 -1.71 16.33 22.85
N GLY A 493 -1.00 17.31 22.29
CA GLY A 493 0.36 17.09 21.84
C GLY A 493 0.44 16.42 20.49
N SER A 494 1.39 16.86 19.65
CA SER A 494 1.57 16.28 18.33
C SER A 494 2.62 15.18 18.30
N TRP A 495 3.39 15.00 19.38
CA TRP A 495 4.44 14.00 19.42
C TRP A 495 3.92 12.61 19.77
N LEU A 496 2.69 12.50 20.28
CA LEU A 496 2.17 11.19 20.66
C LEU A 496 2.00 10.22 19.50
N PRO A 497 1.47 10.61 18.33
CA PRO A 497 1.42 9.63 17.22
C PRO A 497 2.77 9.07 16.84
N LEU A 498 3.77 9.94 16.69
CA LEU A 498 5.11 9.47 16.37
C LEU A 498 5.68 8.62 17.48
N LEU A 499 5.41 8.98 18.73
CA LEU A 499 5.88 8.18 19.85
C LEU A 499 5.32 6.77 19.82
N VAL A 500 4.02 6.65 19.57
CA VAL A 500 3.39 5.32 19.50
C VAL A 500 3.95 4.54 18.32
N TYR A 501 4.07 5.19 17.17
CA TYR A 501 4.59 4.52 15.97
C TYR A 501 6.04 4.10 16.15
N GLY A 502 6.77 4.75 17.05
CA GLY A 502 8.14 4.36 17.32
C GLY A 502 8.29 3.31 18.40
N VAL A 503 7.36 3.28 19.36
CA VAL A 503 7.50 2.34 20.47
C VAL A 503 6.91 0.98 20.13
N VAL A 504 5.87 0.93 19.29
CA VAL A 504 5.24 -0.37 18.98
C VAL A 504 6.22 -1.34 18.31
N PRO A 505 6.91 -0.98 17.23
CA PRO A 505 7.81 -1.97 16.61
C PRO A 505 8.96 -2.39 17.50
N VAL A 506 9.50 -1.49 18.33
CA VAL A 506 10.62 -1.86 19.19
C VAL A 506 10.16 -2.83 20.27
N LEU A 507 8.94 -2.65 20.78
CA LEU A 507 8.40 -3.59 21.75
C LEU A 507 8.16 -4.95 21.11
N SER A 508 7.61 -4.97 19.89
CA SER A 508 7.42 -6.24 19.19
C SER A 508 8.75 -6.94 18.95
N GLY A 509 9.77 -6.19 18.54
CA GLY A 509 11.07 -6.80 18.31
C GLY A 509 11.70 -7.34 19.57
N LEU A 510 11.58 -6.59 20.69
CA LEU A 510 12.11 -7.08 21.95
C LEU A 510 11.38 -8.33 22.40
N ALA A 511 10.06 -8.39 22.22
CA ALA A 511 9.31 -9.60 22.54
C ALA A 511 9.71 -10.76 21.64
N ALA A 512 10.12 -10.49 20.41
CA ALA A 512 10.55 -11.56 19.50
C ALA A 512 11.75 -12.32 20.03
N LEU A 513 12.56 -11.71 20.90
CA LEU A 513 13.73 -12.38 21.47
C LEU A 513 13.36 -13.43 22.51
N LEU A 514 12.08 -13.53 22.90
CA LEU A 514 11.64 -14.45 23.94
C LEU A 514 11.08 -15.74 23.35
N LEU A 515 11.65 -16.21 22.25
CA LEU A 515 11.18 -17.44 21.62
C LEU A 515 11.26 -18.64 22.56
N PRO A 516 12.38 -18.90 23.27
CA PRO A 516 12.33 -20.06 24.17
C PRO A 516 11.55 -19.78 25.45
#